data_8JJS
#
_entry.id   8JJS
#
_cell.length_a   66.596
_cell.length_b   66.596
_cell.length_c   86.613
_cell.angle_alpha   90.000
_cell.angle_beta   90.000
_cell.angle_gamma   120.000
#
_symmetry.space_group_name_H-M   'P 61'
#
loop_
_entity.id
_entity.type
_entity.pdbx_description
1 polymer 'Isoform 2B of GTPase KRas'
2 polymer MAA-ILE-SAR-SAR-7T2-SAR-IAE-LEU-MEA-MLE-7TK
3 non-polymer "GUANOSINE-5'-DIPHOSPHATE"
4 non-polymer 'MAGNESIUM ION'
5 non-polymer 'SULFATE ION'
6 water water
#
loop_
_entity_poly.entity_id
_entity_poly.type
_entity_poly.pdbx_seq_one_letter_code
_entity_poly.pdbx_strand_id
1 'polypeptide(L)'
;GSSGGSTEYKLVVVGADGVGKSALTIQLIQNHFVDEYDPTIEDSYRKQVVIDGETCLLDILDTAGQEEYSAMRDQYMRTG
EGFLCVFAINNTKSFEDIHHYREQIKRVKDSEDVPMVLVGNKCDLPSRTVDTKQAQDLARSYGIPFIETSAKTRQGVDDA
FYTLVREIRKHKEKMSKDG
;
A
2 'polypeptide(L)' (MAA)I(SAR)(SAR)(7T2)(SAR)(IAE)L(MEA)(MLE)(7TK) I
#
loop_
_chem_comp.id
_chem_comp.type
_chem_comp.name
_chem_comp.formula
GDP RNA linking GUANOSINE-5'-DIPHOSPHATE 'C10 H15 N5 O11 P2'
MG non-polymer 'MAGNESIUM ION' 'Mg 2'
SO4 non-polymer 'SULFATE ION' 'O4 S -2'
#
# COMPACT_ATOMS: atom_id res chain seq x y z
N SER A 6 -11.39 12.68 16.36
CA SER A 6 -10.67 11.98 15.30
C SER A 6 -9.15 11.85 15.56
N THR A 7 -8.48 10.89 14.88
CA THR A 7 -7.05 10.61 15.01
C THR A 7 -6.47 10.40 13.61
N GLU A 8 -5.39 11.10 13.26
CA GLU A 8 -4.78 11.08 11.92
C GLU A 8 -3.75 9.99 11.68
N TYR A 9 -3.86 9.29 10.54
CA TYR A 9 -2.91 8.26 10.14
C TYR A 9 -2.45 8.56 8.72
N LYS A 10 -1.14 8.53 8.47
CA LYS A 10 -0.60 8.79 7.15
C LYS A 10 -0.20 7.45 6.55
N LEU A 11 -0.91 7.04 5.48
CA LEU A 11 -0.67 5.77 4.82
C LEU A 11 -0.16 6.00 3.41
N VAL A 12 0.68 5.09 2.93
CA VAL A 12 1.21 5.19 1.57
C VAL A 12 0.97 3.87 0.86
N VAL A 13 0.49 3.92 -0.39
CA VAL A 13 0.23 2.73 -1.20
C VAL A 13 1.28 2.65 -2.27
N VAL A 14 2.14 1.62 -2.20
CA VAL A 14 3.22 1.42 -3.16
C VAL A 14 3.06 0.11 -3.90
N GLY A 15 3.67 0.03 -5.06
CA GLY A 15 3.59 -1.16 -5.89
C GLY A 15 3.74 -0.80 -7.35
N ALA A 16 4.03 -1.82 -8.16
CA ALA A 16 4.26 -1.62 -9.57
C ALA A 16 3.10 -0.94 -10.29
N ASP A 17 3.39 -0.24 -11.38
CA ASP A 17 2.35 0.35 -12.23
C ASP A 17 1.39 -0.74 -12.71
N GLY A 18 0.09 -0.47 -12.61
CA GLY A 18 -0.94 -1.43 -13.03
C GLY A 18 -1.39 -2.45 -12.01
N VAL A 19 -0.86 -2.43 -10.75
CA VAL A 19 -1.31 -3.44 -9.78
C VAL A 19 -2.71 -3.15 -9.24
N GLY A 20 -3.15 -1.90 -9.31
CA GLY A 20 -4.46 -1.47 -8.83
C GLY A 20 -4.42 -0.59 -7.61
N LYS A 21 -3.32 0.18 -7.42
CA LYS A 21 -3.24 1.07 -6.26
C LYS A 21 -4.34 2.14 -6.33
N SER A 22 -4.52 2.77 -7.49
CA SER A 22 -5.52 3.82 -7.65
C SER A 22 -6.93 3.27 -7.51
N ALA A 23 -7.19 2.11 -8.11
CA ALA A 23 -8.48 1.46 -8.03
C ALA A 23 -8.81 1.07 -6.58
N LEU A 24 -7.83 0.52 -5.81
CA LEU A 24 -8.05 0.19 -4.40
C LEU A 24 -8.39 1.41 -3.55
N THR A 25 -7.68 2.54 -3.77
CA THR A 25 -7.90 3.76 -2.99
C THR A 25 -9.25 4.39 -3.32
N ILE A 26 -9.57 4.49 -4.63
CA ILE A 26 -10.87 5.04 -5.05
C ILE A 26 -12.03 4.16 -4.53
N GLN A 27 -11.85 2.83 -4.55
CA GLN A 27 -12.88 1.91 -4.03
C GLN A 27 -13.10 2.19 -2.53
N LEU A 28 -12.02 2.37 -1.77
CA LEU A 28 -12.14 2.73 -0.35
C LEU A 28 -12.79 4.11 -0.13
N ILE A 29 -12.36 5.15 -0.87
CA ILE A 29 -12.82 6.52 -0.65
C ILE A 29 -14.23 6.79 -1.19
N GLN A 30 -14.47 6.46 -2.47
CA GLN A 30 -15.73 6.76 -3.15
C GLN A 30 -16.68 5.57 -3.35
N ASN A 31 -16.30 4.37 -2.89
CA ASN A 31 -17.12 3.16 -3.01
C ASN A 31 -17.47 2.78 -4.44
N HIS A 32 -16.55 3.03 -5.36
CA HIS A 32 -16.75 2.69 -6.76
C HIS A 32 -15.50 2.11 -7.37
N PHE A 33 -15.67 1.24 -8.35
CA PHE A 33 -14.56 0.68 -9.08
C PHE A 33 -14.34 1.44 -10.40
N VAL A 34 -13.12 1.92 -10.63
CA VAL A 34 -12.77 2.55 -11.92
C VAL A 34 -11.99 1.56 -12.80
N ASP A 35 -12.40 1.46 -14.06
CA ASP A 35 -11.71 0.64 -15.05
C ASP A 35 -10.39 1.32 -15.52
N GLU A 36 -10.32 2.65 -15.42
CA GLU A 36 -9.20 3.42 -15.93
C GLU A 36 -8.98 4.63 -15.05
N TYR A 37 -7.75 4.82 -14.63
CA TYR A 37 -7.35 5.94 -13.82
C TYR A 37 -5.94 6.23 -14.23
N ASP A 38 -5.66 7.46 -14.72
CA ASP A 38 -4.34 7.87 -15.23
C ASP A 38 -3.18 7.31 -14.38
N PRO A 39 -2.36 6.40 -14.96
CA PRO A 39 -1.27 5.77 -14.20
C PRO A 39 -0.19 6.71 -13.70
N THR A 40 -0.11 7.92 -14.25
CA THR A 40 0.92 8.89 -13.88
C THR A 40 0.49 9.82 -12.74
N ILE A 41 -0.79 9.80 -12.34
CA ILE A 41 -1.28 10.69 -11.30
C ILE A 41 -1.00 10.15 -9.91
N GLU A 42 -0.29 10.94 -9.11
CA GLU A 42 -0.03 10.64 -7.72
C GLU A 42 -0.84 11.69 -6.91
N ASP A 43 -1.66 11.23 -5.95
CA ASP A 43 -2.45 12.15 -5.17
C ASP A 43 -2.71 11.59 -3.80
N SER A 44 -3.18 12.44 -2.91
CA SER A 44 -3.47 12.12 -1.54
C SER A 44 -4.99 12.21 -1.32
N TYR A 45 -5.51 11.28 -0.53
CA TYR A 45 -6.94 11.21 -0.19
C TYR A 45 -7.13 11.19 1.31
N ARG A 46 -8.33 11.59 1.79
CA ARG A 46 -8.61 11.54 3.23
C ARG A 46 -9.87 10.76 3.46
N LYS A 47 -9.74 9.51 3.98
CA LYS A 47 -10.83 8.57 4.30
C LYS A 47 -11.20 8.72 5.76
N GLN A 48 -12.48 9.01 5.99
CA GLN A 48 -13.04 9.20 7.33
C GLN A 48 -13.81 7.91 7.65
N VAL A 49 -13.34 7.17 8.64
CA VAL A 49 -13.93 5.88 9.01
C VAL A 49 -13.63 5.54 10.48
N VAL A 50 -14.53 4.79 11.13
CA VAL A 50 -14.34 4.38 12.52
C VAL A 50 -13.65 3.03 12.56
N ILE A 51 -12.55 2.92 13.33
CA ILE A 51 -11.81 1.68 13.43
C ILE A 51 -11.62 1.39 14.92
N ASP A 52 -12.13 0.23 15.39
CA ASP A 52 -12.07 -0.18 16.79
C ASP A 52 -12.61 0.87 17.75
N GLY A 53 -13.69 1.54 17.34
CA GLY A 53 -14.32 2.57 18.15
C GLY A 53 -13.78 3.98 17.95
N GLU A 54 -12.49 4.07 17.55
CA GLU A 54 -11.78 5.33 17.32
C GLU A 54 -12.12 5.92 15.97
N THR A 55 -12.43 7.23 15.92
CA THR A 55 -12.71 7.90 14.65
C THR A 55 -11.36 8.21 14.00
N CYS A 56 -11.07 7.62 12.84
CA CYS A 56 -9.76 7.81 12.19
C CYS A 56 -9.84 8.65 10.91
N LEU A 57 -8.84 9.51 10.70
CA LEU A 57 -8.76 10.29 9.48
C LEU A 57 -7.51 9.76 8.77
N LEU A 58 -7.74 8.98 7.73
CA LEU A 58 -6.65 8.35 6.99
C LEU A 58 -6.27 9.18 5.79
N ASP A 59 -5.04 9.72 5.80
CA ASP A 59 -4.54 10.45 4.64
C ASP A 59 -3.68 9.46 3.88
N ILE A 60 -4.13 9.12 2.69
CA ILE A 60 -3.53 8.09 1.87
C ILE A 60 -2.87 8.60 0.61
N LEU A 61 -1.58 8.31 0.46
CA LEU A 61 -0.88 8.68 -0.75
C LEU A 61 -0.92 7.53 -1.74
N ASP A 62 -1.59 7.77 -2.86
CA ASP A 62 -1.69 6.81 -3.95
C ASP A 62 -0.52 7.17 -4.89
N THR A 63 0.55 6.35 -4.88
CA THR A 63 1.77 6.70 -5.61
C THR A 63 1.78 6.43 -7.11
N ALA A 64 2.58 7.22 -7.83
CA ALA A 64 2.83 7.07 -9.25
C ALA A 64 4.31 7.44 -9.53
N GLY A 65 4.84 7.04 -10.68
CA GLY A 65 6.24 7.34 -11.00
C GLY A 65 6.47 8.84 -11.12
N GLN A 66 7.42 9.39 -10.36
CA GLN A 66 7.73 10.83 -10.41
C GLN A 66 9.22 11.15 -10.38
N GLU A 67 9.72 11.86 -11.40
CA GLU A 67 11.13 12.23 -11.44
C GLU A 67 11.41 13.56 -10.69
N GLU A 68 10.64 14.61 -11.00
CA GLU A 68 10.78 15.93 -10.38
C GLU A 68 10.30 15.94 -8.92
N TYR A 69 10.90 16.81 -8.09
CA TYR A 69 10.55 16.92 -6.67
C TYR A 69 9.08 17.25 -6.50
N SER A 70 8.46 16.61 -5.51
CA SER A 70 7.06 16.81 -5.19
C SER A 70 6.94 17.07 -3.71
N ALA A 71 6.43 18.24 -3.31
CA ALA A 71 6.28 18.55 -1.90
C ALA A 71 5.33 17.55 -1.20
N MET A 72 4.29 17.08 -1.92
CA MET A 72 3.36 16.12 -1.33
C MET A 72 4.07 14.80 -1.10
N ARG A 73 4.82 14.31 -2.11
CA ARG A 73 5.54 13.05 -1.92
C ARG A 73 6.57 13.19 -0.76
N ASP A 74 7.24 14.31 -0.71
CA ASP A 74 8.26 14.58 0.31
C ASP A 74 7.64 14.60 1.71
N GLN A 75 6.41 15.14 1.84
CA GLN A 75 5.68 15.18 3.11
C GLN A 75 5.38 13.76 3.57
N TYR A 76 4.97 12.87 2.65
CA TYR A 76 4.73 11.49 3.00
C TYR A 76 6.04 10.73 3.30
N MET A 77 7.15 11.14 2.67
CA MET A 77 8.45 10.51 2.95
C MET A 77 8.85 10.80 4.41
N ARG A 78 8.55 12.01 4.92
CA ARG A 78 8.81 12.41 6.30
C ARG A 78 7.82 11.87 7.30
N THR A 79 6.52 11.89 6.97
CA THR A 79 5.47 11.59 7.95
C THR A 79 4.71 10.28 7.78
N GLY A 80 4.88 9.59 6.66
CA GLY A 80 4.20 8.33 6.36
C GLY A 80 4.44 7.30 7.45
N GLU A 81 3.36 6.80 8.06
CA GLU A 81 3.46 5.86 9.18
C GLU A 81 3.32 4.39 8.79
N GLY A 82 2.61 4.13 7.71
CA GLY A 82 2.37 2.76 7.28
C GLY A 82 2.29 2.64 5.79
N PHE A 83 2.60 1.46 5.29
CA PHE A 83 2.66 1.22 3.86
C PHE A 83 1.92 -0.02 3.43
N LEU A 84 1.13 0.09 2.36
CA LEU A 84 0.53 -1.07 1.74
C LEU A 84 1.47 -1.38 0.58
N CYS A 85 2.05 -2.57 0.56
CA CYS A 85 2.92 -2.98 -0.56
C CYS A 85 2.09 -3.89 -1.41
N VAL A 86 1.66 -3.38 -2.58
CA VAL A 86 0.71 -4.06 -3.44
C VAL A 86 1.34 -4.71 -4.66
N PHE A 87 0.96 -5.95 -4.92
CA PHE A 87 1.27 -6.64 -6.17
C PHE A 87 -0.07 -7.18 -6.75
N ALA A 88 -0.08 -7.64 -7.99
CA ALA A 88 -1.27 -8.21 -8.59
C ALA A 88 -1.01 -9.71 -8.69
N ILE A 89 -1.99 -10.54 -8.25
CA ILE A 89 -1.85 -11.98 -8.25
C ILE A 89 -1.63 -12.60 -9.67
N ASN A 90 -1.93 -11.85 -10.73
CA ASN A 90 -1.72 -12.33 -12.10
C ASN A 90 -0.46 -11.71 -12.75
N ASN A 91 0.44 -11.12 -11.93
CA ASN A 91 1.64 -10.49 -12.42
C ASN A 91 2.82 -10.85 -11.52
N THR A 92 3.60 -11.87 -11.91
CA THR A 92 4.75 -12.31 -11.12
C THR A 92 5.80 -11.21 -11.00
N LYS A 93 5.93 -10.37 -12.01
CA LYS A 93 6.88 -9.27 -11.98
C LYS A 93 6.57 -8.29 -10.82
N SER A 94 5.28 -7.96 -10.63
CA SER A 94 4.89 -7.04 -9.54
C SER A 94 5.20 -7.67 -8.16
N PHE A 95 5.09 -9.02 -8.05
CA PHE A 95 5.41 -9.73 -6.81
C PHE A 95 6.92 -9.67 -6.55
N GLU A 96 7.73 -9.79 -7.62
CA GLU A 96 9.19 -9.73 -7.53
C GLU A 96 9.66 -8.35 -7.04
N ASP A 97 8.91 -7.28 -7.36
CA ASP A 97 9.28 -5.94 -6.91
C ASP A 97 9.11 -5.74 -5.42
N ILE A 98 8.20 -6.51 -4.77
CA ILE A 98 7.83 -6.33 -3.36
C ILE A 98 9.02 -6.20 -2.43
N HIS A 99 10.00 -7.12 -2.50
CA HIS A 99 11.14 -7.03 -1.58
C HIS A 99 11.92 -5.72 -1.76
N HIS A 100 11.97 -5.19 -2.98
CA HIS A 100 12.64 -3.91 -3.21
C HIS A 100 11.86 -2.76 -2.57
N TYR A 101 10.50 -2.73 -2.72
CA TYR A 101 9.69 -1.72 -2.04
C TYR A 101 9.90 -1.76 -0.54
N ARG A 102 9.90 -2.99 0.03
CA ARG A 102 10.13 -3.15 1.46
C ARG A 102 11.50 -2.65 1.92
N GLU A 103 12.59 -3.08 1.25
CA GLU A 103 13.93 -2.65 1.62
C GLU A 103 14.06 -1.09 1.52
N GLN A 104 13.46 -0.50 0.48
CA GLN A 104 13.49 0.95 0.31
C GLN A 104 12.75 1.68 1.43
N ILE A 105 11.56 1.18 1.83
CA ILE A 105 10.78 1.75 2.93
C ILE A 105 11.57 1.74 4.25
N LYS A 106 12.25 0.62 4.55
CA LYS A 106 13.10 0.50 5.74
C LYS A 106 14.16 1.61 5.76
N ARG A 107 14.76 1.93 4.58
CA ARG A 107 15.77 2.99 4.46
C ARG A 107 15.15 4.39 4.55
N VAL A 108 13.91 4.56 4.06
CA VAL A 108 13.23 5.86 4.13
C VAL A 108 12.94 6.22 5.58
N LYS A 109 12.39 5.27 6.34
CA LYS A 109 12.08 5.50 7.74
C LYS A 109 13.30 5.30 8.65
N ASP A 110 14.44 4.78 8.12
CA ASP A 110 15.67 4.47 8.86
C ASP A 110 15.31 3.52 10.00
N SER A 111 14.56 2.47 9.67
CA SER A 111 14.08 1.54 10.66
C SER A 111 13.81 0.17 10.08
N GLU A 112 14.12 -0.86 10.86
CA GLU A 112 13.83 -2.25 10.49
C GLU A 112 12.38 -2.64 10.84
N ASP A 113 11.64 -1.80 11.59
CA ASP A 113 10.27 -2.11 11.96
C ASP A 113 9.33 -1.01 11.50
N VAL A 114 8.80 -1.14 10.28
CA VAL A 114 7.89 -0.15 9.73
C VAL A 114 6.54 -0.80 9.48
N PRO A 115 5.44 -0.26 10.04
CA PRO A 115 4.10 -0.83 9.80
C PRO A 115 3.80 -1.02 8.32
N MET A 116 3.48 -2.26 7.94
CA MET A 116 3.32 -2.61 6.55
C MET A 116 2.37 -3.79 6.40
N VAL A 117 1.68 -3.87 5.26
CA VAL A 117 0.78 -4.97 4.93
C VAL A 117 1.05 -5.33 3.49
N LEU A 118 1.20 -6.63 3.20
CA LEU A 118 1.40 -7.10 1.83
C LEU A 118 0.01 -7.32 1.24
N VAL A 119 -0.26 -6.76 0.08
CA VAL A 119 -1.57 -6.84 -0.57
C VAL A 119 -1.44 -7.54 -1.92
N GLY A 120 -2.22 -8.60 -2.12
CA GLY A 120 -2.26 -9.31 -3.39
C GLY A 120 -3.57 -8.95 -4.04
N ASN A 121 -3.53 -8.01 -4.98
CA ASN A 121 -4.74 -7.48 -5.62
C ASN A 121 -5.16 -8.22 -6.87
N LYS A 122 -6.41 -7.97 -7.31
CA LYS A 122 -7.07 -8.54 -8.47
C LYS A 122 -7.48 -9.99 -8.19
N CYS A 123 -7.83 -10.31 -6.92
CA CYS A 123 -8.17 -11.69 -6.54
C CYS A 123 -9.48 -12.21 -7.19
N ASP A 124 -10.19 -11.33 -7.91
CA ASP A 124 -11.39 -11.72 -8.66
C ASP A 124 -11.03 -12.42 -9.99
N LEU A 125 -9.81 -12.24 -10.51
CA LEU A 125 -9.34 -12.83 -11.76
C LEU A 125 -9.00 -14.32 -11.65
N PRO A 126 -9.34 -15.12 -12.69
CA PRO A 126 -9.06 -16.56 -12.62
C PRO A 126 -7.65 -16.99 -13.00
N SER A 127 -6.95 -16.26 -13.88
CA SER A 127 -5.61 -16.68 -14.32
C SER A 127 -4.47 -16.31 -13.34
N ARG A 128 -4.56 -16.82 -12.10
CA ARG A 128 -3.58 -16.59 -11.05
C ARG A 128 -2.20 -17.16 -11.41
N THR A 129 -1.15 -16.34 -11.25
CA THR A 129 0.24 -16.75 -11.49
C THR A 129 1.13 -16.62 -10.23
N VAL A 130 0.68 -15.87 -9.23
CA VAL A 130 1.39 -15.71 -7.98
C VAL A 130 0.59 -16.48 -6.97
N ASP A 131 1.20 -17.52 -6.42
CA ASP A 131 0.59 -18.41 -5.46
C ASP A 131 0.35 -17.71 -4.14
N THR A 132 -0.80 -17.97 -3.50
CA THR A 132 -1.14 -17.41 -2.20
C THR A 132 -0.09 -17.84 -1.16
N LYS A 133 0.39 -19.10 -1.24
CA LYS A 133 1.40 -19.67 -0.35
C LYS A 133 2.72 -18.90 -0.48
N GLN A 134 3.11 -18.56 -1.70
CA GLN A 134 4.34 -17.81 -1.94
C GLN A 134 4.24 -16.42 -1.29
N ALA A 135 3.07 -15.77 -1.38
CA ALA A 135 2.88 -14.46 -0.76
C ALA A 135 2.78 -14.57 0.78
N GLN A 136 2.08 -15.60 1.28
CA GLN A 136 1.95 -15.80 2.73
C GLN A 136 3.31 -16.10 3.34
N ASP A 137 4.19 -16.85 2.63
CA ASP A 137 5.54 -17.16 3.09
C ASP A 137 6.36 -15.89 3.16
N LEU A 138 6.28 -15.03 2.12
CA LEU A 138 7.01 -13.76 2.12
C LEU A 138 6.55 -12.89 3.27
N ALA A 139 5.22 -12.74 3.45
CA ALA A 139 4.68 -11.95 4.56
C ALA A 139 5.12 -12.53 5.93
N ARG A 140 5.16 -13.87 6.07
CA ARG A 140 5.63 -14.50 7.31
C ARG A 140 7.10 -14.13 7.55
N SER A 141 7.94 -14.19 6.49
CA SER A 141 9.36 -13.85 6.61
C SER A 141 9.59 -12.39 7.06
N TYR A 142 8.66 -11.49 6.71
CA TYR A 142 8.75 -10.10 7.14
C TYR A 142 8.06 -9.83 8.47
N GLY A 143 7.26 -10.77 8.97
CA GLY A 143 6.50 -10.55 10.20
C GLY A 143 5.37 -9.56 9.97
N ILE A 144 4.75 -9.60 8.77
CA ILE A 144 3.66 -8.66 8.45
C ILE A 144 2.41 -9.38 7.95
N PRO A 145 1.24 -8.74 8.02
CA PRO A 145 0.04 -9.38 7.48
C PRO A 145 0.01 -9.41 5.94
N PHE A 146 -0.72 -10.38 5.40
CA PHE A 146 -0.95 -10.50 3.97
C PHE A 146 -2.46 -10.53 3.76
N ILE A 147 -2.93 -9.71 2.84
CA ILE A 147 -4.36 -9.66 2.54
C ILE A 147 -4.59 -9.71 1.01
N GLU A 148 -5.49 -10.60 0.58
CA GLU A 148 -5.85 -10.69 -0.83
C GLU A 148 -7.04 -9.76 -1.06
N THR A 149 -6.96 -8.92 -2.09
CA THR A 149 -8.02 -7.92 -2.33
C THR A 149 -8.52 -7.93 -3.78
N SER A 150 -9.66 -7.32 -4.01
CA SER A 150 -10.15 -7.02 -5.32
C SER A 150 -10.75 -5.62 -5.22
N ALA A 151 -10.13 -4.64 -5.91
CA ALA A 151 -10.72 -3.30 -6.01
C ALA A 151 -12.05 -3.39 -6.80
N LYS A 152 -12.20 -4.40 -7.67
CA LYS A 152 -13.40 -4.63 -8.46
C LYS A 152 -14.62 -4.99 -7.58
N THR A 153 -14.49 -6.05 -6.77
CA THR A 153 -15.60 -6.52 -5.94
C THR A 153 -15.65 -5.87 -4.54
N ARG A 154 -14.52 -5.22 -4.13
CA ARG A 154 -14.30 -4.60 -2.82
C ARG A 154 -13.79 -5.62 -1.76
N GLN A 155 -13.69 -6.91 -2.11
CA GLN A 155 -13.19 -7.96 -1.24
C GLN A 155 -11.83 -7.57 -0.63
N GLY A 156 -11.73 -7.60 0.69
CA GLY A 156 -10.45 -7.33 1.35
C GLY A 156 -9.99 -5.89 1.38
N VAL A 157 -10.70 -4.95 0.71
CA VAL A 157 -10.25 -3.56 0.65
C VAL A 157 -10.23 -2.92 2.03
N ASP A 158 -11.35 -3.01 2.76
CA ASP A 158 -11.39 -2.45 4.11
C ASP A 158 -10.42 -3.20 5.02
N ASP A 159 -10.26 -4.53 4.84
CA ASP A 159 -9.32 -5.30 5.66
C ASP A 159 -7.90 -4.80 5.46
N ALA A 160 -7.48 -4.54 4.22
CA ALA A 160 -6.11 -4.09 3.94
C ALA A 160 -5.79 -2.77 4.69
N PHE A 161 -6.68 -1.77 4.56
CA PHE A 161 -6.50 -0.47 5.18
C PHE A 161 -6.67 -0.52 6.69
N TYR A 162 -7.69 -1.26 7.20
CA TYR A 162 -7.97 -1.42 8.65
C TYR A 162 -6.76 -2.10 9.32
N THR A 163 -6.23 -3.14 8.69
CA THR A 163 -5.10 -3.89 9.23
C THR A 163 -3.88 -3.00 9.31
N LEU A 164 -3.66 -2.17 8.29
CA LEU A 164 -2.53 -1.25 8.33
C LEU A 164 -2.63 -0.26 9.50
N VAL A 165 -3.83 0.29 9.72
CA VAL A 165 -4.08 1.20 10.84
C VAL A 165 -3.81 0.50 12.18
N ARG A 166 -4.25 -0.77 12.29
CA ARG A 166 -4.01 -1.63 13.46
C ARG A 166 -2.50 -1.81 13.70
N GLU A 167 -1.72 -2.05 12.62
CA GLU A 167 -0.27 -2.22 12.68
C GLU A 167 0.43 -0.93 13.17
N ILE A 168 -0.03 0.23 12.69
CA ILE A 168 0.55 1.52 13.10
C ILE A 168 0.25 1.75 14.58
N ARG A 169 -0.98 1.43 15.02
CA ARG A 169 -1.37 1.55 16.43
C ARG A 169 -0.48 0.68 17.33
N LYS A 170 -0.20 -0.58 16.92
CA LYS A 170 0.63 -1.48 17.71
C LYS A 170 2.08 -1.01 17.73
N HIS A 171 2.58 -0.46 16.62
CA HIS A 171 3.96 0.03 16.57
C HIS A 171 4.11 1.22 17.52
N LYS A 172 3.10 2.11 17.56
CA LYS A 172 3.10 3.27 18.44
C LYS A 172 3.06 2.87 19.94
N GLU A 173 2.48 1.70 20.25
CA GLU A 173 2.43 1.19 21.62
C GLU A 173 3.82 0.75 22.07
N LYS A 174 4.62 0.17 21.16
CA LYS A 174 5.98 -0.27 21.48
C LYS A 174 6.96 0.92 21.58
N MAA B 1 17.95 9.66 -3.75
CM MAA B 1 18.60 9.99 -2.47
CA MAA B 1 18.43 8.43 -4.41
CB MAA B 1 19.80 8.64 -5.03
C MAA B 1 18.43 7.22 -3.47
O MAA B 1 19.42 6.48 -3.39
N ILE B 2 17.31 7.01 -2.77
CA ILE B 2 17.20 5.88 -1.87
C ILE B 2 16.73 4.65 -2.66
N SAR B 3 17.52 3.55 -2.77
CA SAR B 3 17.03 2.36 -3.47
C SAR B 3 16.62 1.28 -2.47
O SAR B 3 16.58 1.52 -1.27
CN SAR B 3 18.84 3.40 -2.17
N SAR B 4 16.40 0.02 -2.91
CA SAR B 4 16.37 -0.36 -4.31
C SAR B 4 15.07 0.14 -4.96
O SAR B 4 14.23 0.70 -4.27
CN SAR B 4 15.98 -1.04 -2.00
N 7T2 B 5 14.91 -0.05 -6.29
C 7T2 B 5 12.72 -0.70 -7.22
O 7T2 B 5 13.02 -1.55 -8.07
CA 7T2 B 5 13.68 0.47 -6.92
CB 7T2 B 5 13.92 1.35 -8.15
CG 7T2 B 5 14.94 2.44 -7.92
CD1 7T2 B 5 15.01 3.12 -6.72
CD2 7T2 B 5 15.87 2.75 -8.89
CE1 7T2 B 5 15.95 4.09 -6.49
CE2 7T2 B 5 16.83 3.72 -8.69
CZ 7T2 B 5 16.85 4.39 -7.50
CM 7T2 B 5 15.90 -0.68 -7.17
CL 7T2 B 5 18.04 5.63 -7.23
N SAR B 6 11.56 -0.80 -6.51
CA SAR B 6 11.11 0.19 -5.56
C SAR B 6 10.60 1.45 -6.27
O SAR B 6 10.48 1.47 -7.49
CN SAR B 6 10.63 -1.89 -6.83
N IAE B 7 10.29 2.47 -5.48
C IAE B 7 11.02 4.44 -6.74
O IAE B 7 12.11 4.53 -6.18
CA IAE B 7 9.85 3.75 -6.03
CB IAE B 7 9.34 4.66 -4.92
CG IAE B 7 8.11 4.11 -4.19
CD IAE B 7 7.67 5.04 -3.08
CE1 IAE B 7 7.00 6.22 -3.38
CE2 IAE B 7 8.08 4.85 -1.78
CZ1 IAE B 7 6.67 7.12 -2.40
CZ2 IAE B 7 7.74 5.73 -0.77
CH IAE B 7 7.02 6.87 -1.09
CI IAE B 7 6.69 7.87 -0.04
FI1 IAE B 7 6.69 7.37 1.20
FI2 IAE B 7 7.54 8.89 -0.02
FI3 IAE B 7 5.48 8.42 -0.21
N LEU B 8 10.76 4.92 -7.96
CA LEU B 8 11.79 5.57 -8.76
C LEU B 8 12.16 6.97 -8.27
C1 MEA B 9 14.53 6.61 -8.91
N MEA B 9 13.45 7.41 -8.35
CA MEA B 9 13.84 8.78 -7.91
C MEA B 9 13.32 9.11 -6.46
O MEA B 9 12.63 10.12 -6.30
CB MEA B 9 13.38 9.84 -8.91
CG MEA B 9 13.76 9.51 -10.33
CD1 MEA B 9 15.06 9.66 -10.78
CE1 MEA B 9 15.40 9.35 -12.08
CZ MEA B 9 14.45 8.89 -12.95
CE2 MEA B 9 13.15 8.74 -12.54
CD2 MEA B 9 12.81 9.03 -11.22
N MLE B 10 13.61 8.29 -5.43
CN MLE B 10 14.46 7.10 -5.51
CA MLE B 10 13.06 8.62 -4.10
CB MLE B 10 12.45 7.40 -3.41
CG MLE B 10 11.62 7.68 -2.16
CD1 MLE B 10 11.39 6.41 -1.38
CD2 MLE B 10 10.27 8.29 -2.57
C MLE B 10 14.15 9.27 -3.25
O MLE B 10 14.90 8.56 -2.57
N 7TK B 11 14.30 10.59 -3.37
CA 7TK B 11 15.38 11.30 -2.68
C 7TK B 11 14.87 12.53 -1.94
O 7TK B 11 14.24 13.40 -2.52
CB 7TK B 11 16.49 11.65 -3.69
CG 7TK B 11 17.02 10.41 -4.39
OD1 7TK B 11 16.53 10.04 -5.46
N5 7TK B 11 15.18 12.65 -0.63
C4 7TK B 11 15.97 11.73 0.20
C3 7TK B 11 16.15 12.50 1.50
C2 7TK B 11 14.87 13.28 1.59
C1 7TK B 11 14.71 13.79 0.18
PB GDP C . -2.09 1.53 -10.43
O1B GDP C . -1.41 0.64 -9.41
O2B GDP C . -1.20 1.85 -11.62
O3B GDP C . -2.73 2.78 -9.83
O3A GDP C . -3.30 0.69 -11.02
PA GDP C . -4.79 1.06 -11.47
O1A GDP C . -4.63 2.11 -12.50
O2A GDP C . -5.61 1.30 -10.26
O5' GDP C . -5.30 -0.30 -12.12
C5' GDP C . -4.61 -0.84 -13.28
C4' GDP C . -5.57 -1.69 -14.07
O4' GDP C . -5.99 -2.82 -13.28
C3' GDP C . -6.86 -0.98 -14.50
O3' GDP C . -7.29 -1.46 -15.78
C2' GDP C . -7.84 -1.39 -13.40
O2' GDP C . -9.21 -1.35 -13.81
C1' GDP C . -7.40 -2.82 -13.12
N9 GDP C . -7.73 -3.29 -11.77
C8 GDP C . -7.38 -2.69 -10.58
N7 GDP C . -7.78 -3.37 -9.53
C5 GDP C . -8.42 -4.48 -10.07
C6 GDP C . -9.02 -5.61 -9.42
O6 GDP C . -9.06 -5.87 -8.22
N1 GDP C . -9.52 -6.51 -10.33
C2 GDP C . -9.47 -6.38 -11.69
N2 GDP C . -10.05 -7.34 -12.42
N3 GDP C . -8.89 -5.34 -12.31
C4 GDP C . -8.40 -4.44 -11.44
MG MG D . -2.44 4.78 -10.16
S SO4 E . 6.80 4.80 -7.91
O1 SO4 E . 8.00 5.16 -8.70
O2 SO4 E . 6.87 3.39 -7.50
O3 SO4 E . 5.59 4.76 -8.74
O4 SO4 E . 6.62 5.74 -6.79
S SO4 F . -19.12 -0.03 -9.15
O1 SO4 F . -19.10 -1.20 -10.04
O2 SO4 F . -18.16 -0.22 -8.06
O3 SO4 F . -18.84 1.20 -9.93
O4 SO4 F . -20.44 0.10 -8.51
S SO4 G . 2.79 18.55 -5.24
O1 SO4 G . 3.66 17.50 -5.77
O2 SO4 G . 3.13 18.84 -3.84
O3 SO4 G . 3.00 19.77 -6.06
O4 SO4 G . 1.39 18.11 -5.37
#